data_7UJG
#
_entry.id   7UJG
#
_cell.length_a   52.792
_cell.length_b   61.933
_cell.length_c   58.939
_cell.angle_alpha   90.00
_cell.angle_beta   97.84
_cell.angle_gamma   90.00
#
_symmetry.space_group_name_H-M   'P 1 21 1'
#
loop_
_entity.id
_entity.type
_entity.pdbx_description
1 polymer '3C-like proteinase nsp5'
2 non-polymer '(1S,2S)-2-({N-[(benzyloxy)carbonyl]-L-leucyl}amino)-1-hydroxy-3-[(3S)-2-oxopyrrolidin-3-yl]propane-1-sulfonic acid'
3 water water
#
_entity_poly.entity_id   1
_entity_poly.type   'polypeptide(L)'
_entity_poly.pdbx_seq_one_letter_code
;KMAFPSGKVEGCMVQVTCGTTTLNGLWLDDVVYCPRHVICTSEDMLNPNYEDLLIRKSNHNFLVQAGNVQLRVIGHSMQN
CVLKLKVDTANPKTPKYKFVRIQPGQTFSVLACYNGSPSGVYQCAMRPNFTIKGSFLNGSCGSVGFNIDYDCVSFCYMHH
MELPTGVHAGTDLEGNFYGPFVDRQTAQAAG
;
_entity_poly.pdbx_strand_id   A,B
#
loop_
_chem_comp.id
_chem_comp.type
_chem_comp.name
_chem_comp.formula
K36 peptide-like '(1S,2S)-2-({N-[(benzyloxy)carbonyl]-L-leucyl}amino)-1-hydroxy-3-[(3S)-2-oxopyrrolidin-3-yl]propane-1-sulfonic acid' 'C21 H31 N3 O8 S'
#
# COMPACT_ATOMS: atom_id res chain seq x y z
N MET A 2 25.72 1.30 -16.06
CA MET A 2 26.13 0.36 -15.01
C MET A 2 26.06 0.97 -13.62
N ALA A 3 25.39 0.29 -12.69
CA ALA A 3 25.27 0.80 -11.32
C ALA A 3 26.58 0.64 -10.56
N PHE A 4 26.77 1.51 -9.57
CA PHE A 4 27.87 1.37 -8.64
C PHE A 4 27.62 0.23 -7.65
N PRO A 5 28.68 -0.38 -7.12
CA PRO A 5 28.49 -1.38 -6.05
C PRO A 5 27.87 -0.69 -4.84
N SER A 6 27.01 -1.38 -4.14
CA SER A 6 26.14 -0.73 -3.15
C SER A 6 26.59 -0.95 -1.71
N GLY A 7 27.66 -1.72 -1.50
CA GLY A 7 27.97 -2.18 -0.15
C GLY A 7 28.16 -1.05 0.86
N LYS A 8 28.80 0.04 0.42
CA LYS A 8 29.04 1.13 1.37
C LYS A 8 27.73 1.77 1.80
N VAL A 9 26.71 1.72 0.94
CA VAL A 9 25.45 2.39 1.27
C VAL A 9 24.52 1.42 2.03
N GLU A 10 24.61 0.11 1.75
CA GLU A 10 23.75 -0.85 2.44
C GLU A 10 23.87 -0.71 3.94
N GLY A 11 25.11 -0.48 4.42
CA GLY A 11 25.36 -0.39 5.85
C GLY A 11 24.82 0.87 6.50
N CYS A 12 24.22 1.77 5.72
CA CYS A 12 23.69 3.02 6.26
C CYS A 12 22.15 3.02 6.31
N MET A 13 21.49 1.99 5.81
CA MET A 13 20.03 2.05 5.69
C MET A 13 19.39 1.52 6.97
N VAL A 14 18.40 2.24 7.45
CA VAL A 14 17.61 1.84 8.61
C VAL A 14 16.12 1.96 8.26
N GLN A 15 15.29 1.41 9.16
CA GLN A 15 13.84 1.59 9.09
C GLN A 15 13.41 2.67 10.12
N VAL A 16 12.47 3.53 9.72
CA VAL A 16 11.94 4.56 10.60
C VAL A 16 10.43 4.40 10.61
N THR A 17 9.84 4.36 11.78
CA THR A 17 8.39 4.24 11.90
C THR A 17 7.90 5.34 12.82
N CYS A 18 6.85 6.02 12.41
CA CYS A 18 6.17 6.95 13.30
C CYS A 18 4.68 6.63 13.17
N GLY A 19 4.07 6.16 14.26
CA GLY A 19 2.67 5.73 14.18
C GLY A 19 2.51 4.49 13.32
N THR A 20 1.73 4.58 12.26
CA THR A 20 1.64 3.43 11.37
C THR A 20 2.33 3.69 10.02
N THR A 21 3.13 4.75 9.92
CA THR A 21 3.86 5.06 8.69
C THR A 21 5.29 4.58 8.85
N THR A 22 5.76 3.78 7.90
CA THR A 22 7.10 3.23 7.94
C THR A 22 7.78 3.55 6.62
N LEU A 23 9.03 3.99 6.71
CA LEU A 23 9.81 4.20 5.51
C LEU A 23 11.27 3.99 5.88
N ASN A 24 12.17 4.39 4.99
CA ASN A 24 13.58 4.11 5.20
C ASN A 24 14.29 5.38 5.64
N GLY A 25 15.41 5.23 6.35
CA GLY A 25 16.24 6.36 6.70
C GLY A 25 17.69 6.06 6.37
N LEU A 26 18.49 7.12 6.32
CA LEU A 26 19.92 7.02 6.02
C LEU A 26 20.66 7.41 7.28
N TRP A 27 21.43 6.47 7.81
CA TRP A 27 22.11 6.62 9.10
C TRP A 27 23.58 6.93 8.83
N LEU A 28 23.98 8.17 9.12
CA LEU A 28 25.36 8.61 8.95
C LEU A 28 25.81 9.27 10.23
N ASP A 29 26.96 8.81 10.77
CA ASP A 29 27.42 9.30 12.11
C ASP A 29 26.25 9.07 13.08
N ASP A 30 25.84 10.07 13.85
CA ASP A 30 24.75 9.86 14.80
C ASP A 30 23.47 10.54 14.37
N VAL A 31 23.24 10.66 13.05
CA VAL A 31 22.03 11.31 12.52
C VAL A 31 21.35 10.36 11.56
N VAL A 32 20.03 10.26 11.65
CA VAL A 32 19.23 9.51 10.68
C VAL A 32 18.46 10.54 9.87
N TYR A 33 18.61 10.51 8.54
CA TYR A 33 17.89 11.43 7.65
C TYR A 33 16.73 10.66 7.04
N CYS A 34 15.53 11.25 7.01
CA CYS A 34 14.44 10.54 6.37
C CYS A 34 13.42 11.56 5.87
N PRO A 35 12.52 11.17 4.97
CA PRO A 35 11.49 12.13 4.50
C PRO A 35 10.59 12.58 5.63
N ARG A 36 10.22 13.88 5.62
CA ARG A 36 9.45 14.38 6.75
C ARG A 36 8.03 13.84 6.74
N HIS A 37 7.52 13.35 5.61
CA HIS A 37 6.14 12.90 5.66
C HIS A 37 5.94 11.65 6.51
N VAL A 38 7.02 11.09 7.07
CA VAL A 38 6.83 10.01 8.04
C VAL A 38 5.96 10.46 9.22
N ILE A 39 5.90 11.76 9.52
CA ILE A 39 5.14 12.21 10.69
C ILE A 39 3.67 12.44 10.38
N CYS A 40 3.24 12.18 9.15
CA CYS A 40 1.84 12.28 8.72
C CYS A 40 1.07 10.99 8.95
N THR A 41 -0.15 11.12 9.44
CA THR A 41 -1.10 10.04 9.27
C THR A 41 -1.64 10.08 7.84
N SER A 42 -2.52 9.13 7.51
CA SER A 42 -3.08 9.13 6.16
C SER A 42 -3.93 10.37 5.90
N GLU A 43 -4.65 10.87 6.92
CA GLU A 43 -5.46 12.08 6.72
C GLU A 43 -4.57 13.31 6.58
N ASP A 44 -3.45 13.37 7.31
CA ASP A 44 -2.57 14.52 7.22
C ASP A 44 -2.00 14.68 5.82
N MET A 45 -1.85 13.56 5.09
CA MET A 45 -1.11 13.62 3.83
C MET A 45 -1.78 14.48 2.78
N LEU A 46 -3.07 14.82 2.95
CA LEU A 46 -3.79 15.63 1.98
C LEU A 46 -3.29 17.07 1.98
N ASN A 47 -3.33 17.72 3.14
CA ASN A 47 -2.82 19.07 3.31
C ASN A 47 -2.10 19.13 4.64
N PRO A 48 -0.85 18.68 4.69
CA PRO A 48 -0.15 18.64 5.97
C PRO A 48 0.32 20.01 6.43
N ASN A 49 0.18 20.28 7.71
CA ASN A 49 0.81 21.46 8.32
C ASN A 49 2.02 20.90 9.06
N TYR A 50 3.18 20.84 8.36
CA TYR A 50 4.32 20.17 8.95
C TYR A 50 4.82 20.86 10.20
N GLU A 51 4.74 22.21 10.28
CA GLU A 51 5.18 22.90 11.50
C GLU A 51 4.34 22.46 12.69
N ASP A 52 3.04 22.32 12.49
CA ASP A 52 2.17 21.87 13.57
C ASP A 52 2.43 20.41 13.95
N LEU A 53 2.54 19.52 12.95
CA LEU A 53 2.85 18.12 13.25
C LEU A 53 4.16 17.99 14.00
N LEU A 54 5.18 18.79 13.62
CA LEU A 54 6.49 18.72 14.26
C LEU A 54 6.41 19.00 15.76
N ILE A 55 5.64 20.02 16.15
CA ILE A 55 5.53 20.39 17.57
C ILE A 55 4.91 19.26 18.39
N ARG A 56 3.99 18.51 17.81
CA ARG A 56 3.28 17.51 18.58
C ARG A 56 4.05 16.21 18.75
N LYS A 57 5.20 16.05 18.10
CA LYS A 57 5.95 14.81 18.19
C LYS A 57 7.00 14.93 19.27
N SER A 58 7.28 13.81 19.92
CA SER A 58 8.37 13.66 20.86
C SER A 58 9.34 12.63 20.33
N ASN A 59 10.53 12.61 20.94
CA ASN A 59 11.56 11.67 20.51
C ASN A 59 11.06 10.23 20.55
N HIS A 60 10.26 9.88 21.56
CA HIS A 60 9.91 8.49 21.72
C HIS A 60 8.79 8.07 20.79
N ASN A 61 8.24 9.01 20.01
CA ASN A 61 7.29 8.66 18.96
C ASN A 61 7.96 8.06 17.72
N PHE A 62 9.27 8.16 17.60
CA PHE A 62 9.99 7.62 16.44
C PHE A 62 10.63 6.30 16.82
N LEU A 63 10.40 5.28 16.02
CA LEU A 63 11.03 3.98 16.20
C LEU A 63 12.03 3.82 15.07
N VAL A 64 13.33 3.70 15.41
CA VAL A 64 14.36 3.58 14.39
C VAL A 64 15.02 2.22 14.60
N GLN A 65 15.08 1.39 13.56
CA GLN A 65 15.67 0.07 13.71
C GLN A 65 16.74 -0.14 12.66
N ALA A 66 17.92 -0.56 13.10
CA ALA A 66 19.00 -0.97 12.21
C ALA A 66 18.97 -2.50 12.20
N GLY A 67 18.33 -3.10 11.19
CA GLY A 67 18.04 -4.53 11.27
C GLY A 67 17.16 -4.81 12.47
N ASN A 68 17.63 -5.65 13.39
CA ASN A 68 16.85 -5.92 14.60
C ASN A 68 17.23 -5.05 15.81
N VAL A 69 18.12 -4.09 15.63
CA VAL A 69 18.57 -3.28 16.75
C VAL A 69 17.80 -1.97 16.74
N GLN A 70 17.12 -1.66 17.83
CA GLN A 70 16.46 -0.37 17.97
C GLN A 70 17.47 0.67 18.43
N LEU A 71 17.42 1.84 17.80
CA LEU A 71 18.30 2.95 18.12
C LEU A 71 17.49 3.98 18.89
N ARG A 72 18.06 4.54 19.95
CA ARG A 72 17.31 5.52 20.72
C ARG A 72 17.43 6.89 20.08
N VAL A 73 16.29 7.53 19.80
CA VAL A 73 16.25 8.91 19.32
C VAL A 73 16.36 9.86 20.49
N ILE A 74 17.33 10.78 20.44
CA ILE A 74 17.56 11.76 21.49
C ILE A 74 17.34 13.18 21.03
N GLY A 75 16.93 13.39 19.79
CA GLY A 75 16.57 14.74 19.33
C GLY A 75 16.07 14.64 17.92
N HIS A 76 15.34 15.67 17.49
CA HIS A 76 14.87 15.68 16.12
C HIS A 76 14.68 17.11 15.65
N SER A 77 14.86 17.32 14.35
CA SER A 77 14.66 18.64 13.77
C SER A 77 14.26 18.45 12.32
N MET A 78 13.76 19.52 11.71
CA MET A 78 13.32 19.46 10.33
C MET A 78 14.20 20.38 9.51
N GLN A 79 14.68 19.90 8.38
CA GLN A 79 15.45 20.75 7.48
C GLN A 79 14.78 20.64 6.12
N ASN A 80 14.05 21.69 5.72
CA ASN A 80 13.26 21.66 4.49
C ASN A 80 12.37 20.41 4.54
N CYS A 81 12.44 19.51 3.54
CA CYS A 81 11.56 18.34 3.48
C CYS A 81 12.18 17.06 4.07
N VAL A 82 13.25 17.16 4.84
CA VAL A 82 13.78 15.97 5.50
CA VAL A 82 13.86 16.01 5.49
C VAL A 82 13.75 16.18 7.02
N LEU A 83 13.57 15.09 7.73
CA LEU A 83 13.67 15.10 9.17
C LEU A 83 15.05 14.56 9.51
N LYS A 84 15.67 15.13 10.55
CA LYS A 84 16.98 14.69 11.02
C LYS A 84 16.79 14.17 12.44
N LEU A 85 16.96 12.85 12.64
CA LEU A 85 16.79 12.27 13.97
C LEU A 85 18.17 12.02 14.55
N LYS A 86 18.47 12.63 15.67
CA LYS A 86 19.75 12.38 16.32
C LYS A 86 19.57 11.12 17.16
N VAL A 87 20.46 10.16 17.03
CA VAL A 87 20.37 8.94 17.80
C VAL A 87 21.56 8.88 18.77
N ASP A 88 21.49 7.95 19.72
CA ASP A 88 22.55 7.92 20.71
C ASP A 88 23.76 7.08 20.30
N THR A 89 23.74 6.49 19.10
CA THR A 89 24.80 5.58 18.63
C THR A 89 25.30 6.07 17.28
N ALA A 90 26.62 6.25 17.11
CA ALA A 90 27.14 6.61 15.79
C ALA A 90 27.26 5.36 14.93
N ASN A 91 26.93 5.49 13.62
CA ASN A 91 27.02 4.31 12.77
C ASN A 91 28.48 3.91 12.56
N PRO A 92 28.93 2.73 13.01
CA PRO A 92 30.34 2.38 12.80
C PRO A 92 30.66 2.06 11.36
N LYS A 93 29.66 1.90 10.50
CA LYS A 93 29.89 1.67 9.07
C LYS A 93 29.77 2.95 8.23
N THR A 94 29.79 4.13 8.86
CA THR A 94 29.66 5.38 8.10
C THR A 94 30.81 5.51 7.09
N PRO A 95 30.54 5.61 5.80
CA PRO A 95 31.66 5.76 4.85
C PRO A 95 32.10 7.21 4.79
N LYS A 96 33.18 7.47 4.04
CA LYS A 96 33.45 8.86 3.66
C LYS A 96 32.33 9.30 2.73
N TYR A 97 31.75 10.48 2.97
CA TYR A 97 30.59 10.87 2.16
C TYR A 97 30.52 12.38 2.00
N LYS A 98 29.74 12.83 1.01
CA LYS A 98 29.35 14.23 0.90
C LYS A 98 27.95 14.28 0.32
N PHE A 99 27.27 15.42 0.51
CA PHE A 99 25.93 15.66 -0.02
C PHE A 99 26.10 16.59 -1.21
N VAL A 100 25.57 16.19 -2.38
CA VAL A 100 25.72 16.99 -3.59
C VAL A 100 24.34 17.12 -4.24
N ARG A 101 24.15 18.21 -4.98
CA ARG A 101 22.92 18.40 -5.74
C ARG A 101 23.28 18.23 -7.21
N ILE A 102 22.61 17.32 -7.90
CA ILE A 102 22.98 17.04 -9.28
C ILE A 102 22.11 17.86 -10.24
N GLN A 103 22.43 17.80 -11.52
N GLN A 103 22.46 17.81 -11.53
CA GLN A 103 21.72 18.60 -12.50
CA GLN A 103 21.88 18.56 -12.64
C GLN A 103 21.14 17.69 -13.58
C GLN A 103 21.10 17.64 -13.56
N PRO A 104 20.09 18.14 -14.29
CA PRO A 104 19.47 17.31 -15.33
C PRO A 104 20.51 16.78 -16.31
N GLY A 105 20.33 15.54 -16.75
CA GLY A 105 21.31 14.89 -17.57
C GLY A 105 22.28 14.00 -16.81
N GLN A 106 22.41 14.19 -15.51
CA GLN A 106 23.37 13.39 -14.76
C GLN A 106 22.74 12.06 -14.36
N THR A 107 23.57 11.05 -14.20
CA THR A 107 23.12 9.73 -13.76
C THR A 107 23.58 9.49 -12.32
N PHE A 108 22.95 8.50 -11.69
CA PHE A 108 23.31 8.09 -10.33
C PHE A 108 22.69 6.72 -10.11
N SER A 109 23.25 5.99 -9.15
CA SER A 109 22.72 4.71 -8.74
C SER A 109 21.69 4.90 -7.63
N VAL A 110 20.67 4.07 -7.62
CA VAL A 110 19.66 4.03 -6.55
C VAL A 110 19.76 2.66 -5.89
N LEU A 111 19.77 2.66 -4.54
CA LEU A 111 19.62 1.43 -3.73
C LEU A 111 18.17 1.45 -3.26
N ALA A 112 17.32 0.69 -3.94
CA ALA A 112 15.92 0.59 -3.54
C ALA A 112 15.83 -0.26 -2.29
N CYS A 113 15.16 0.25 -1.26
CA CYS A 113 15.04 -0.40 0.03
C CYS A 113 13.58 -0.44 0.43
N TYR A 114 13.23 -1.47 1.22
CA TYR A 114 11.89 -1.65 1.82
C TYR A 114 12.05 -2.09 3.26
N ASN A 115 11.34 -1.43 4.20
CA ASN A 115 11.47 -1.77 5.63
C ASN A 115 12.90 -1.74 6.10
N GLY A 116 13.67 -0.80 5.57
CA GLY A 116 15.02 -0.71 6.04
C GLY A 116 15.96 -1.74 5.45
N SER A 117 15.48 -2.58 4.51
CA SER A 117 16.35 -3.61 3.98
C SER A 117 16.59 -3.44 2.47
N PRO A 118 17.83 -3.47 2.03
CA PRO A 118 18.12 -3.26 0.60
C PRO A 118 17.55 -4.37 -0.28
N SER A 119 16.98 -3.97 -1.38
CA SER A 119 16.29 -4.86 -2.28
C SER A 119 16.93 -4.96 -3.66
N GLY A 120 17.48 -3.86 -4.19
CA GLY A 120 18.03 -3.92 -5.54
C GLY A 120 18.76 -2.63 -5.84
N VAL A 121 19.59 -2.65 -6.88
CA VAL A 121 20.35 -1.47 -7.25
CA VAL A 121 20.37 -1.48 -7.26
C VAL A 121 20.21 -1.28 -8.76
N TYR A 122 20.06 -0.03 -9.19
CA TYR A 122 19.94 0.24 -10.62
C TYR A 122 20.34 1.68 -10.85
N GLN A 123 20.52 2.03 -12.11
CA GLN A 123 20.98 3.35 -12.50
C GLN A 123 19.79 4.16 -12.98
N CYS A 124 19.73 5.45 -12.65
CA CYS A 124 18.69 6.37 -13.10
CA CYS A 124 18.74 6.26 -13.32
C CYS A 124 19.35 7.59 -13.71
N ALA A 125 18.55 8.36 -14.46
CA ALA A 125 19.00 9.64 -15.00
C ALA A 125 17.99 10.70 -14.62
N MET A 126 18.49 11.88 -14.27
CA MET A 126 17.63 13.01 -13.95
CA MET A 126 17.60 12.99 -13.95
C MET A 126 17.15 13.65 -15.26
N ARG A 127 15.85 13.70 -15.47
CA ARG A 127 15.29 14.27 -16.73
C ARG A 127 15.22 15.79 -16.64
N PRO A 128 15.08 16.47 -17.79
CA PRO A 128 15.05 17.94 -17.80
C PRO A 128 13.91 18.54 -16.99
N ASN A 129 12.84 17.81 -16.73
CA ASN A 129 11.77 18.30 -15.89
C ASN A 129 11.95 17.86 -14.42
N PHE A 130 13.14 17.41 -14.06
CA PHE A 130 13.53 17.05 -12.69
C PHE A 130 12.80 15.82 -12.15
N THR A 131 12.37 14.90 -13.03
CA THR A 131 11.77 13.64 -12.61
C THR A 131 12.75 12.52 -12.95
N ILE A 132 12.53 11.36 -12.34
CA ILE A 132 13.33 10.18 -12.68
C ILE A 132 12.39 9.03 -12.96
N LYS A 133 12.82 8.13 -13.83
CA LYS A 133 12.03 6.92 -14.09
C LYS A 133 12.61 5.88 -13.15
N GLY A 134 12.05 5.81 -11.95
CA GLY A 134 12.51 4.84 -10.99
C GLY A 134 11.71 3.55 -11.02
N SER A 135 12.08 2.66 -10.13
CA SER A 135 11.32 1.44 -9.85
C SER A 135 11.10 1.48 -8.35
N PHE A 136 10.10 2.24 -7.95
CA PHE A 136 9.78 2.46 -6.54
C PHE A 136 8.35 2.05 -6.31
N LEU A 137 8.15 1.25 -5.28
CA LEU A 137 6.87 0.75 -4.84
C LEU A 137 6.55 1.34 -3.48
N ASN A 138 5.39 1.00 -2.93
CA ASN A 138 5.07 1.53 -1.61
C ASN A 138 6.12 1.07 -0.60
N GLY A 139 6.47 1.96 0.32
CA GLY A 139 7.46 1.63 1.32
C GLY A 139 8.88 1.97 0.91
N SER A 140 9.08 2.48 -0.31
CA SER A 140 10.43 2.78 -0.81
C SER A 140 10.94 4.16 -0.42
N CYS A 141 10.10 5.01 0.18
CA CYS A 141 10.54 6.36 0.48
C CYS A 141 11.73 6.33 1.42
N GLY A 142 12.64 7.30 1.27
CA GLY A 142 13.89 7.24 2.02
C GLY A 142 15.01 6.52 1.30
N SER A 143 14.71 5.73 0.25
CA SER A 143 15.76 5.11 -0.57
C SER A 143 16.60 6.24 -1.17
N VAL A 144 17.91 6.02 -1.34
CA VAL A 144 18.79 7.11 -1.75
C VAL A 144 19.46 6.80 -3.08
N GLY A 145 19.87 7.89 -3.74
CA GLY A 145 20.64 7.82 -4.98
C GLY A 145 22.04 8.34 -4.70
N PHE A 146 23.03 7.76 -5.37
CA PHE A 146 24.40 8.12 -4.99
C PHE A 146 25.32 7.86 -6.19
N ASN A 147 26.49 8.47 -6.13
CA ASN A 147 27.61 8.15 -7.00
C ASN A 147 28.79 7.88 -6.10
N ILE A 148 29.77 7.16 -6.62
CA ILE A 148 30.99 6.86 -5.88
C ILE A 148 32.16 7.48 -6.63
N ASP A 149 32.90 8.35 -5.95
CA ASP A 149 34.08 9.03 -6.50
C ASP A 149 35.25 8.53 -5.64
N TYR A 150 36.01 7.58 -6.19
CA TYR A 150 37.10 6.87 -5.50
C TYR A 150 36.60 6.06 -4.31
N ASP A 151 36.76 6.60 -3.11
CA ASP A 151 36.25 5.98 -1.89
C ASP A 151 35.12 6.79 -1.26
N CYS A 152 34.76 7.92 -1.86
CA CYS A 152 33.79 8.85 -1.29
C CYS A 152 32.41 8.61 -1.88
N VAL A 153 31.37 8.45 -1.02
CA VAL A 153 30.01 8.27 -1.52
C VAL A 153 29.39 9.66 -1.62
N SER A 154 28.97 10.06 -2.82
CA SER A 154 28.26 11.32 -3.00
C SER A 154 26.78 11.01 -3.01
N PHE A 155 26.06 11.39 -1.93
CA PHE A 155 24.61 11.19 -1.92
C PHE A 155 23.93 12.37 -2.61
N CYS A 156 23.03 12.07 -3.57
CA CYS A 156 22.40 13.14 -4.33
C CYS A 156 20.88 13.10 -4.39
N TYR A 157 20.24 12.02 -3.92
CA TYR A 157 18.79 11.91 -4.05
C TYR A 157 18.21 11.10 -2.89
N MET A 158 17.08 11.56 -2.36
CA MET A 158 16.28 10.79 -1.42
C MET A 158 14.86 10.71 -1.97
N HIS A 159 14.26 9.53 -1.94
CA HIS A 159 12.99 9.32 -2.64
C HIS A 159 11.78 9.75 -1.79
N HIS A 160 10.82 10.49 -2.42
CA HIS A 160 9.61 10.92 -1.69
C HIS A 160 8.27 10.55 -2.36
N MET A 161 8.19 10.47 -3.67
CA MET A 161 6.82 10.38 -4.19
C MET A 161 6.79 9.89 -5.63
N GLU A 162 5.61 9.42 -6.03
CA GLU A 162 5.33 9.02 -7.40
C GLU A 162 4.28 9.95 -8.00
N LEU A 163 4.52 10.41 -9.20
CA LEU A 163 3.63 11.33 -9.90
C LEU A 163 2.64 10.54 -10.75
N PRO A 164 1.53 11.16 -11.13
CA PRO A 164 0.47 10.44 -11.87
C PRO A 164 0.93 9.70 -13.11
N THR A 165 1.93 10.21 -13.81
CA THR A 165 2.43 9.54 -15.01
C THR A 165 3.39 8.39 -14.69
N GLY A 166 3.63 8.08 -13.43
CA GLY A 166 4.46 6.94 -13.10
C GLY A 166 5.92 7.28 -12.89
N VAL A 167 6.32 8.53 -13.07
CA VAL A 167 7.71 8.91 -12.80
C VAL A 167 7.80 9.39 -11.35
N HIS A 168 9.02 9.70 -10.89
CA HIS A 168 9.32 9.82 -9.46
C HIS A 168 10.03 11.11 -9.17
N ALA A 169 9.79 11.61 -7.96
CA ALA A 169 10.33 12.88 -7.53
C ALA A 169 10.87 12.76 -6.11
N GLY A 170 11.89 13.55 -5.83
CA GLY A 170 12.42 13.55 -4.47
C GLY A 170 13.32 14.73 -4.27
N THR A 171 14.12 14.65 -3.19
CA THR A 171 14.91 15.79 -2.75
C THR A 171 16.40 15.48 -2.77
N ASP A 172 17.23 16.53 -2.64
CA ASP A 172 18.62 16.28 -2.26
C ASP A 172 18.66 15.98 -0.76
N LEU A 173 19.85 15.82 -0.20
CA LEU A 173 19.97 15.41 1.20
C LEU A 173 19.92 16.59 2.14
N GLU A 174 19.77 17.81 1.61
CA GLU A 174 19.35 18.97 2.41
C GLU A 174 17.85 19.15 2.43
N GLY A 175 17.12 18.24 1.82
CA GLY A 175 15.69 18.27 1.81
C GLY A 175 15.08 19.23 0.84
N ASN A 176 15.82 19.74 -0.15
CA ASN A 176 15.24 20.58 -1.20
C ASN A 176 14.83 19.72 -2.36
N PHE A 177 13.57 19.88 -2.77
CA PHE A 177 13.09 19.09 -3.91
C PHE A 177 13.87 19.43 -5.17
N TYR A 178 14.09 18.40 -6.00
CA TYR A 178 14.41 18.62 -7.41
C TYR A 178 13.10 18.98 -8.12
N GLY A 179 13.04 20.15 -8.75
CA GLY A 179 11.84 20.51 -9.46
C GLY A 179 10.79 21.15 -8.59
N PRO A 180 9.69 21.57 -9.21
CA PRO A 180 8.69 22.38 -8.47
C PRO A 180 7.68 21.58 -7.65
N PHE A 181 8.05 20.43 -7.08
CA PHE A 181 7.08 19.60 -6.42
C PHE A 181 7.04 19.90 -4.93
N VAL A 182 5.99 19.43 -4.28
CA VAL A 182 5.86 19.55 -2.83
C VAL A 182 5.38 18.22 -2.26
N ASP A 183 5.72 17.97 -0.99
CA ASP A 183 5.42 16.69 -0.36
C ASP A 183 4.02 16.71 0.24
N ARG A 184 3.04 16.69 -0.64
CA ARG A 184 1.67 16.53 -0.22
C ARG A 184 0.99 15.68 -1.27
N GLN A 185 0.04 14.85 -0.83
CA GLN A 185 -0.57 13.87 -1.71
C GLN A 185 -1.67 14.59 -2.47
N THR A 186 -1.25 15.36 -3.47
CA THR A 186 -2.10 16.24 -4.26
C THR A 186 -1.70 16.22 -5.74
N LYS B 1 -35.32 4.64 1.86
CA LYS B 1 -36.25 3.67 1.43
C LYS B 1 -35.62 2.63 0.48
N MET B 2 -34.76 3.02 -0.46
CA MET B 2 -34.36 2.06 -1.52
C MET B 2 -33.22 1.16 -1.06
N ALA B 3 -32.00 1.70 -0.89
CA ALA B 3 -30.97 0.86 -0.29
C ALA B 3 -31.17 0.75 1.21
N PHE B 4 -30.60 -0.30 1.79
CA PHE B 4 -30.56 -0.41 3.25
C PHE B 4 -29.53 0.52 3.88
N PRO B 5 -29.77 0.95 5.12
CA PRO B 5 -28.74 1.69 5.87
C PRO B 5 -27.51 0.83 5.99
N SER B 6 -26.33 1.44 5.83
CA SER B 6 -25.10 0.65 5.66
C SER B 6 -24.25 0.57 6.92
N GLY B 7 -24.70 1.18 8.02
CA GLY B 7 -23.81 1.31 9.18
C GLY B 7 -23.26 -0.02 9.68
N LYS B 8 -24.08 -1.09 9.68
CA LYS B 8 -23.62 -2.39 10.22
C LYS B 8 -22.53 -3.00 9.36
N VAL B 9 -22.52 -2.67 8.09
CA VAL B 9 -21.52 -3.20 7.18
C VAL B 9 -20.27 -2.31 7.19
N GLU B 10 -20.42 -0.99 7.32
CA GLU B 10 -19.29 -0.06 7.31
C GLU B 10 -18.24 -0.47 8.34
N GLY B 11 -18.68 -0.98 9.47
CA GLY B 11 -17.78 -1.38 10.54
C GLY B 11 -16.99 -2.64 10.26
N CYS B 12 -17.31 -3.33 9.16
CA CYS B 12 -16.60 -4.56 8.79
C CYS B 12 -15.62 -4.39 7.65
N MET B 13 -15.51 -3.20 7.07
CA MET B 13 -14.70 -3.06 5.85
C MET B 13 -13.27 -2.70 6.24
N VAL B 14 -12.30 -3.35 5.60
CA VAL B 14 -10.88 -3.07 5.83
C VAL B 14 -10.18 -2.97 4.48
N GLN B 15 -8.95 -2.50 4.51
CA GLN B 15 -8.10 -2.41 3.34
C GLN B 15 -7.16 -3.61 3.37
N VAL B 16 -6.96 -4.25 2.22
CA VAL B 16 -6.07 -5.40 2.11
C VAL B 16 -5.07 -5.12 1.00
N THR B 17 -3.79 -5.18 1.32
CA THR B 17 -2.76 -4.90 0.32
C THR B 17 -1.83 -6.09 0.26
N CYS B 18 -1.52 -6.52 -0.94
CA CYS B 18 -0.55 -7.60 -1.12
C CYS B 18 0.30 -7.15 -2.31
N GLY B 19 1.56 -6.84 -2.05
CA GLY B 19 2.45 -6.35 -3.09
C GLY B 19 1.96 -5.03 -3.65
N THR B 20 1.69 -5.03 -4.93
CA THR B 20 1.27 -3.82 -5.63
C THR B 20 -0.25 -3.66 -5.71
N THR B 21 -1.02 -4.60 -5.18
CA THR B 21 -2.48 -4.64 -5.37
C THR B 21 -3.16 -4.29 -4.06
N THR B 22 -4.05 -3.29 -4.08
CA THR B 22 -4.85 -2.92 -2.91
C THR B 22 -6.31 -3.12 -3.25
N LEU B 23 -7.05 -3.76 -2.34
CA LEU B 23 -8.50 -3.86 -2.53
C LEU B 23 -9.12 -3.89 -1.13
N ASN B 24 -10.40 -4.22 -1.06
CA ASN B 24 -11.15 -4.20 0.19
C ASN B 24 -11.35 -5.61 0.69
N GLY B 25 -11.52 -5.73 2.01
CA GLY B 25 -11.83 -7.01 2.62
C GLY B 25 -12.97 -6.85 3.61
N LEU B 26 -13.60 -7.97 3.96
CA LEU B 26 -14.76 -8.00 4.85
C LEU B 26 -14.28 -8.69 6.13
N TRP B 27 -14.34 -8.00 7.25
CA TRP B 27 -13.76 -8.48 8.50
C TRP B 27 -14.88 -8.88 9.45
N LEU B 28 -15.04 -10.19 9.65
CA LEU B 28 -16.04 -10.76 10.56
C LEU B 28 -15.32 -11.69 11.52
N ASP B 29 -15.59 -11.55 12.82
CA ASP B 29 -14.92 -12.38 13.80
C ASP B 29 -13.42 -12.16 13.60
N ASP B 30 -12.60 -13.22 13.53
CA ASP B 30 -11.17 -13.08 13.34
C ASP B 30 -10.74 -13.45 11.92
N VAL B 31 -11.63 -13.28 10.95
CA VAL B 31 -11.30 -13.61 9.56
C VAL B 31 -11.58 -12.41 8.67
N VAL B 32 -10.68 -12.18 7.69
CA VAL B 32 -10.91 -11.19 6.64
C VAL B 32 -11.09 -11.94 5.34
N TYR B 33 -12.23 -11.72 4.67
CA TYR B 33 -12.56 -12.32 3.37
C TYR B 33 -12.21 -11.31 2.29
N CYS B 34 -11.49 -11.73 1.23
CA CYS B 34 -11.30 -10.80 0.12
C CYS B 34 -11.11 -11.62 -1.16
N PRO B 35 -11.23 -10.98 -2.34
CA PRO B 35 -11.04 -11.71 -3.60
C PRO B 35 -9.64 -12.29 -3.67
N ARG B 36 -9.53 -13.54 -4.15
CA ARG B 36 -8.21 -14.13 -4.12
C ARG B 36 -7.27 -13.51 -5.15
N HIS B 37 -7.77 -12.80 -6.17
CA HIS B 37 -6.81 -12.21 -7.10
C HIS B 37 -5.94 -11.11 -6.49
N VAL B 38 -6.13 -10.77 -5.22
CA VAL B 38 -5.20 -9.84 -4.58
C VAL B 38 -3.75 -10.37 -4.61
N ILE B 39 -3.58 -11.69 -4.74
CA ILE B 39 -2.23 -12.26 -4.67
C ILE B 39 -1.56 -12.32 -6.04
N CYS B 40 -2.24 -11.79 -7.07
CA CYS B 40 -1.66 -11.78 -8.41
C CYS B 40 -0.87 -10.49 -8.62
N THR B 41 0.23 -10.60 -9.36
CA THR B 41 0.81 -9.42 -9.97
C THR B 41 0.13 -9.18 -11.31
N SER B 42 0.57 -8.15 -12.04
CA SER B 42 -0.05 -7.88 -13.33
C SER B 42 0.28 -8.97 -14.35
N GLU B 43 1.45 -9.61 -14.24
CA GLU B 43 1.78 -10.73 -15.12
C GLU B 43 1.00 -11.98 -14.77
N ASP B 44 0.53 -12.10 -13.53
CA ASP B 44 -0.23 -13.27 -13.14
C ASP B 44 -1.66 -13.22 -13.66
N MET B 45 -2.12 -12.02 -14.05
CA MET B 45 -3.54 -11.76 -14.32
C MET B 45 -4.11 -12.62 -15.45
N LEU B 46 -3.30 -12.99 -16.45
CA LEU B 46 -3.85 -13.65 -17.65
C LEU B 46 -4.24 -15.11 -17.38
N ASN B 47 -3.37 -15.85 -16.69
CA ASN B 47 -3.64 -17.26 -16.41
C ASN B 47 -3.03 -17.62 -15.07
N PRO B 48 -3.59 -17.08 -13.99
CA PRO B 48 -2.96 -17.26 -12.68
C PRO B 48 -3.00 -18.70 -12.22
N ASN B 49 -1.93 -19.14 -11.58
CA ASN B 49 -1.93 -20.43 -10.90
C ASN B 49 -2.10 -20.09 -9.44
N TYR B 50 -3.36 -20.06 -8.99
CA TYR B 50 -3.64 -19.58 -7.65
C TYR B 50 -3.05 -20.49 -6.56
N GLU B 51 -3.05 -21.82 -6.77
CA GLU B 51 -2.45 -22.73 -5.76
C GLU B 51 -0.98 -22.40 -5.52
N ASP B 52 -0.23 -22.13 -6.60
CA ASP B 52 1.17 -21.75 -6.44
CA ASP B 52 1.18 -21.72 -6.51
C ASP B 52 1.31 -20.37 -5.82
N LEU B 53 0.49 -19.40 -6.27
CA LEU B 53 0.66 -18.06 -5.71
C LEU B 53 0.34 -18.03 -4.23
N LEU B 54 -0.59 -18.89 -3.80
CA LEU B 54 -0.97 -18.90 -2.38
C LEU B 54 0.23 -19.27 -1.51
N ILE B 55 1.03 -20.20 -1.99
CA ILE B 55 2.23 -20.72 -1.32
CA ILE B 55 2.13 -20.52 -1.09
C ILE B 55 3.38 -19.71 -1.37
N ARG B 56 3.42 -18.92 -2.45
CA ARG B 56 4.50 -17.96 -2.59
C ARG B 56 4.39 -16.81 -1.60
N LYS B 57 3.19 -16.52 -1.08
CA LYS B 57 2.98 -15.38 -0.19
C LYS B 57 3.07 -15.83 1.26
N SER B 58 3.80 -15.09 2.06
CA SER B 58 3.78 -15.41 3.48
C SER B 58 2.76 -14.49 4.14
N ASN B 59 2.46 -14.80 5.40
CA ASN B 59 1.51 -13.98 6.17
C ASN B 59 1.92 -12.52 6.20
N HIS B 60 3.21 -12.24 6.33
CA HIS B 60 3.58 -10.84 6.42
C HIS B 60 3.55 -10.14 5.07
N ASN B 61 3.28 -10.86 3.98
CA ASN B 61 3.05 -10.21 2.69
C ASN B 61 1.71 -9.50 2.62
N PHE B 62 0.81 -9.76 3.56
CA PHE B 62 -0.51 -9.15 3.54
C PHE B 62 -0.53 -8.00 4.54
N LEU B 63 -0.83 -6.81 4.07
CA LEU B 63 -1.03 -5.67 4.94
C LEU B 63 -2.53 -5.44 5.05
N VAL B 64 -3.08 -5.59 6.25
CA VAL B 64 -4.51 -5.36 6.47
C VAL B 64 -4.64 -4.18 7.44
N GLN B 65 -5.42 -3.20 7.05
CA GLN B 65 -5.64 -1.99 7.86
C GLN B 65 -7.12 -1.77 8.10
N ALA B 66 -7.49 -1.57 9.35
CA ALA B 66 -8.85 -1.25 9.75
C ALA B 66 -8.78 0.19 10.23
N GLY B 67 -8.94 1.11 9.31
CA GLY B 67 -8.72 2.52 9.66
C GLY B 67 -7.25 2.78 10.02
N ASN B 68 -7.00 3.29 11.22
CA ASN B 68 -5.62 3.55 11.64
C ASN B 68 -4.96 2.35 12.29
N VAL B 69 -5.62 1.20 12.31
CA VAL B 69 -5.15 0.03 13.04
C VAL B 69 -4.72 -1.03 12.04
N GLN B 70 -3.48 -1.49 12.14
CA GLN B 70 -3.05 -2.62 11.34
C GLN B 70 -3.44 -3.89 12.05
N LEU B 71 -3.93 -4.88 11.28
CA LEU B 71 -4.32 -6.19 11.78
C LEU B 71 -3.28 -7.19 11.29
N ARG B 72 -2.71 -7.96 12.20
CA ARG B 72 -1.65 -8.89 11.81
C ARG B 72 -2.24 -10.20 11.31
N VAL B 73 -1.84 -10.62 10.09
CA VAL B 73 -2.29 -11.88 9.52
C VAL B 73 -1.48 -13.03 10.12
N ILE B 74 -2.18 -14.06 10.60
CA ILE B 74 -1.55 -15.23 11.21
C ILE B 74 -1.83 -16.50 10.44
N GLY B 75 -2.57 -16.42 9.33
CA GLY B 75 -2.91 -17.60 8.55
C GLY B 75 -3.59 -17.17 7.27
N HIS B 76 -3.41 -17.91 6.17
CA HIS B 76 -4.13 -17.57 4.95
C HIS B 76 -4.46 -18.87 4.24
N SER B 77 -5.69 -18.96 3.74
CA SER B 77 -6.19 -20.14 3.04
C SER B 77 -7.17 -19.65 1.98
N MET B 78 -7.48 -20.53 1.05
CA MET B 78 -8.34 -20.16 -0.08
C MET B 78 -9.58 -21.03 -0.04
N GLN B 79 -10.73 -20.43 -0.22
CA GLN B 79 -11.99 -21.15 -0.28
C GLN B 79 -12.60 -20.75 -1.61
N ASN B 80 -12.54 -21.64 -2.59
CA ASN B 80 -13.02 -21.31 -3.95
C ASN B 80 -12.32 -20.03 -4.42
N CYS B 81 -13.05 -18.96 -4.77
CA CYS B 81 -12.39 -17.77 -5.29
C CYS B 81 -12.19 -16.68 -4.25
N VAL B 82 -12.37 -16.96 -2.94
CA VAL B 82 -12.04 -15.95 -1.95
C VAL B 82 -10.88 -16.46 -1.12
N LEU B 83 -10.09 -15.51 -0.65
CA LEU B 83 -9.05 -15.74 0.34
C LEU B 83 -9.63 -15.49 1.73
N LYS B 84 -9.25 -16.32 2.70
CA LYS B 84 -9.62 -16.11 4.12
C LYS B 84 -8.35 -15.81 4.86
N LEU B 85 -8.23 -14.60 5.39
CA LEU B 85 -7.04 -14.20 6.14
C LEU B 85 -7.39 -14.25 7.62
N LYS B 86 -6.74 -15.12 8.39
CA LYS B 86 -7.01 -15.17 9.83
C LYS B 86 -6.13 -14.09 10.45
N VAL B 87 -6.69 -13.25 11.32
CA VAL B 87 -5.96 -12.18 11.97
C VAL B 87 -5.95 -12.44 13.49
N ASP B 88 -5.12 -11.67 14.20
CA ASP B 88 -4.88 -11.95 15.61
C ASP B 88 -5.89 -11.29 16.54
N THR B 89 -7.01 -10.81 16.04
CA THR B 89 -8.03 -10.23 16.92
C THR B 89 -9.39 -10.35 16.24
N ALA B 90 -10.45 -10.35 17.01
CA ALA B 90 -11.79 -10.47 16.44
C ALA B 90 -12.42 -9.09 16.33
N ASN B 91 -13.17 -8.86 15.27
CA ASN B 91 -13.77 -7.55 15.10
C ASN B 91 -14.87 -7.35 16.14
N PRO B 92 -14.74 -6.36 17.04
CA PRO B 92 -15.77 -6.15 18.07
C PRO B 92 -17.05 -5.57 17.52
N LYS B 93 -17.05 -5.11 16.26
CA LYS B 93 -18.25 -4.62 15.60
C LYS B 93 -18.89 -5.66 14.67
N THR B 94 -18.51 -6.94 14.78
CA THR B 94 -19.14 -7.98 13.96
C THR B 94 -20.66 -8.01 14.22
N PRO B 95 -21.51 -7.82 13.21
CA PRO B 95 -22.95 -7.88 13.44
C PRO B 95 -23.39 -9.34 13.44
N LYS B 96 -24.66 -9.58 13.77
CA LYS B 96 -25.24 -10.87 13.43
C LYS B 96 -25.28 -10.99 11.91
N TYR B 97 -24.90 -12.15 11.38
CA TYR B 97 -24.77 -12.20 9.92
C TYR B 97 -25.00 -13.61 9.44
N LYS B 98 -25.33 -13.71 8.16
CA LYS B 98 -25.28 -15.01 7.52
C LYS B 98 -24.89 -14.80 6.08
N PHE B 99 -24.44 -15.90 5.46
CA PHE B 99 -24.05 -15.85 4.04
C PHE B 99 -25.17 -16.52 3.26
N VAL B 100 -25.66 -15.85 2.24
CA VAL B 100 -26.76 -16.37 1.44
C VAL B 100 -26.41 -16.22 -0.04
N ARG B 101 -26.93 -17.14 -0.86
CA ARG B 101 -26.74 -17.04 -2.29
C ARG B 101 -28.03 -16.62 -2.96
N ILE B 102 -27.98 -15.56 -3.77
CA ILE B 102 -29.23 -15.06 -4.32
C ILE B 102 -29.43 -15.53 -5.75
N GLN B 103 -30.55 -15.16 -6.36
CA GLN B 103 -30.85 -15.56 -7.73
C GLN B 103 -31.13 -14.33 -8.58
N PRO B 104 -31.01 -14.47 -9.90
CA PRO B 104 -31.45 -13.38 -10.81
C PRO B 104 -32.83 -12.87 -10.45
N GLY B 105 -32.97 -11.54 -10.55
CA GLY B 105 -34.21 -10.87 -10.18
C GLY B 105 -34.26 -10.34 -8.76
N GLN B 106 -33.47 -10.91 -7.85
CA GLN B 106 -33.47 -10.44 -6.47
C GLN B 106 -32.58 -9.22 -6.33
N THR B 107 -33.00 -8.31 -5.45
CA THR B 107 -32.23 -7.08 -5.25
C THR B 107 -31.37 -7.20 -3.99
N PHE B 108 -30.37 -6.33 -3.93
CA PHE B 108 -29.54 -6.22 -2.75
C PHE B 108 -28.90 -4.83 -2.75
N SER B 109 -28.38 -4.44 -1.59
CA SER B 109 -27.67 -3.17 -1.47
C SER B 109 -26.17 -3.41 -1.61
N VAL B 110 -25.47 -2.47 -2.26
CA VAL B 110 -24.00 -2.57 -2.43
C VAL B 110 -23.40 -1.42 -1.65
N LEU B 111 -22.42 -1.72 -0.83
CA LEU B 111 -21.59 -0.68 -0.23
C LEU B 111 -20.29 -0.62 -1.03
N ALA B 112 -20.20 0.36 -1.94
CA ALA B 112 -18.99 0.54 -2.75
C ALA B 112 -17.91 1.16 -1.87
N CYS B 113 -16.71 0.58 -1.89
CA CYS B 113 -15.58 0.95 -1.02
C CYS B 113 -14.32 1.05 -1.87
N TYR B 114 -13.42 1.95 -1.47
CA TYR B 114 -12.11 2.18 -2.09
C TYR B 114 -11.09 2.34 -0.98
N ASN B 115 -10.00 1.58 -1.06
CA ASN B 115 -8.95 1.62 -0.05
C ASN B 115 -9.47 1.32 1.32
N GLY B 116 -10.49 0.44 1.45
CA GLY B 116 -11.01 0.12 2.76
C GLY B 116 -12.04 1.09 3.30
N SER B 117 -12.38 2.12 2.57
CA SER B 117 -13.21 3.21 3.08
C SER B 117 -14.52 3.28 2.31
N PRO B 118 -15.65 3.16 2.99
CA PRO B 118 -16.96 3.25 2.33
C PRO B 118 -17.14 4.55 1.56
N SER B 119 -17.59 4.43 0.33
CA SER B 119 -17.75 5.58 -0.55
C SER B 119 -19.20 5.87 -0.93
N GLY B 120 -20.03 4.84 -1.10
CA GLY B 120 -21.43 5.08 -1.47
C GLY B 120 -22.26 3.81 -1.30
N VAL B 121 -23.58 3.97 -1.37
CA VAL B 121 -24.46 2.81 -1.24
C VAL B 121 -25.54 2.91 -2.29
N TYR B 122 -25.88 1.79 -2.90
CA TYR B 122 -26.96 1.81 -3.88
C TYR B 122 -27.56 0.42 -3.99
N GLN B 123 -28.73 0.35 -4.60
CA GLN B 123 -29.44 -0.90 -4.78
C GLN B 123 -29.18 -1.43 -6.18
N CYS B 124 -29.02 -2.76 -6.33
CA CYS B 124 -28.73 -3.44 -7.58
CA CYS B 124 -28.98 -3.29 -7.67
C CYS B 124 -29.64 -4.66 -7.70
N ALA B 125 -29.79 -5.17 -8.91
CA ALA B 125 -30.50 -6.43 -9.07
C ALA B 125 -29.64 -7.32 -9.93
N MET B 126 -29.63 -8.59 -9.59
CA MET B 126 -28.94 -9.60 -10.37
CA MET B 126 -28.90 -9.53 -10.41
C MET B 126 -29.68 -9.80 -11.69
N ARG B 127 -28.99 -9.65 -12.83
CA ARG B 127 -29.57 -9.90 -14.15
C ARG B 127 -29.60 -11.40 -14.49
N PRO B 128 -30.40 -11.79 -15.49
CA PRO B 128 -30.55 -13.23 -15.79
C PRO B 128 -29.27 -13.89 -16.25
N ASN B 129 -28.30 -13.15 -16.76
CA ASN B 129 -27.02 -13.72 -17.11
C ASN B 129 -26.00 -13.63 -15.98
N PHE B 130 -26.47 -13.38 -14.76
CA PHE B 130 -25.67 -13.41 -13.52
C PHE B 130 -24.71 -12.24 -13.41
N THR B 131 -24.89 -11.18 -14.19
CA THR B 131 -24.11 -9.97 -13.99
C THR B 131 -24.95 -8.89 -13.30
N ILE B 132 -24.26 -7.87 -12.81
CA ILE B 132 -24.97 -6.70 -12.30
C ILE B 132 -24.46 -5.47 -13.03
N LYS B 133 -25.28 -4.42 -13.11
CA LYS B 133 -24.78 -3.16 -13.67
C LYS B 133 -24.42 -2.32 -12.46
N GLY B 134 -23.16 -2.40 -12.06
CA GLY B 134 -22.68 -1.67 -10.91
C GLY B 134 -22.06 -0.34 -11.33
N SER B 135 -21.57 0.38 -10.32
CA SER B 135 -20.77 1.58 -10.52
C SER B 135 -19.45 1.33 -9.81
N PHE B 136 -18.68 0.40 -10.35
CA PHE B 136 -17.44 -0.02 -9.75
C PHE B 136 -16.27 0.52 -10.57
N LEU B 137 -15.33 1.17 -9.91
CA LEU B 137 -14.11 1.60 -10.57
C LEU B 137 -12.95 0.77 -10.05
N ASN B 138 -11.76 1.07 -10.56
CA ASN B 138 -10.59 0.37 -10.04
C ASN B 138 -10.47 0.54 -8.54
N GLY B 139 -10.04 -0.50 -7.85
CA GLY B 139 -9.94 -0.45 -6.41
C GLY B 139 -11.17 -0.87 -5.63
N SER B 140 -12.30 -1.13 -6.31
CA SER B 140 -13.57 -1.46 -5.67
C SER B 140 -13.71 -2.93 -5.32
N CYS B 141 -12.80 -3.78 -5.78
CA CYS B 141 -12.95 -5.21 -5.53
C CYS B 141 -12.99 -5.46 -4.03
N GLY B 142 -13.82 -6.44 -3.64
CA GLY B 142 -14.03 -6.71 -2.21
C GLY B 142 -15.19 -5.95 -1.61
N SER B 143 -15.73 -4.95 -2.33
CA SER B 143 -17.00 -4.35 -1.90
C SER B 143 -18.07 -5.44 -1.86
N VAL B 144 -19.03 -5.27 -0.94
CA VAL B 144 -19.98 -6.38 -0.72
C VAL B 144 -21.41 -5.92 -0.94
N GLY B 145 -22.25 -6.90 -1.32
CA GLY B 145 -23.69 -6.72 -1.43
C GLY B 145 -24.37 -7.42 -0.28
N PHE B 146 -25.47 -6.83 0.21
CA PHE B 146 -26.10 -7.40 1.40
C PHE B 146 -27.58 -7.01 1.42
N ASN B 147 -28.38 -7.76 2.19
CA ASN B 147 -29.70 -7.32 2.61
C ASN B 147 -29.73 -7.35 4.13
N ILE B 148 -30.69 -6.65 4.73
CA ILE B 148 -30.85 -6.71 6.18
C ILE B 148 -32.21 -7.34 6.45
N ASP B 149 -32.24 -8.35 7.29
CA ASP B 149 -33.49 -9.00 7.71
C ASP B 149 -33.51 -8.87 9.23
N TYR B 150 -34.29 -7.90 9.70
CA TYR B 150 -34.39 -7.47 11.09
C TYR B 150 -33.05 -6.91 11.59
N ASP B 151 -32.33 -7.66 12.41
CA ASP B 151 -31.04 -7.20 12.88
C ASP B 151 -29.90 -8.06 12.34
N CYS B 152 -30.16 -8.85 11.31
CA CYS B 152 -29.19 -9.77 10.73
C CYS B 152 -28.77 -9.29 9.34
N VAL B 153 -27.46 -9.23 9.10
CA VAL B 153 -26.97 -8.81 7.80
C VAL B 153 -26.79 -10.08 6.98
N SER B 154 -27.46 -10.18 5.83
CA SER B 154 -27.29 -11.33 4.92
C SER B 154 -26.36 -10.88 3.81
N PHE B 155 -25.13 -11.34 3.85
CA PHE B 155 -24.18 -11.00 2.80
C PHE B 155 -24.39 -11.91 1.61
N CYS B 156 -24.45 -11.34 0.39
CA CYS B 156 -24.75 -12.17 -0.78
C CYS B 156 -23.84 -11.93 -1.98
N TYR B 157 -22.95 -10.95 -1.94
CA TYR B 157 -22.12 -10.67 -3.12
C TYR B 157 -20.82 -10.06 -2.67
N MET B 158 -19.73 -10.43 -3.34
CA MET B 158 -18.46 -9.76 -3.19
C MET B 158 -17.94 -9.48 -4.61
N HIS B 159 -17.50 -8.26 -4.85
CA HIS B 159 -17.19 -7.79 -6.21
C HIS B 159 -15.81 -8.25 -6.65
N HIS B 160 -15.68 -8.79 -7.90
CA HIS B 160 -14.37 -9.23 -8.40
C HIS B 160 -13.93 -8.59 -9.72
N MET B 161 -14.83 -8.30 -10.66
CA MET B 161 -14.32 -7.93 -12.00
C MET B 161 -15.37 -7.22 -12.84
N GLU B 162 -14.88 -6.54 -13.87
CA GLU B 162 -15.74 -5.88 -14.86
C GLU B 162 -15.55 -6.55 -16.21
N LEU B 163 -16.65 -6.90 -16.89
CA LEU B 163 -16.55 -7.55 -18.17
C LEU B 163 -16.34 -6.52 -19.27
N PRO B 164 -15.89 -6.95 -20.45
CA PRO B 164 -15.66 -5.99 -21.55
C PRO B 164 -16.87 -5.11 -21.85
N THR B 165 -18.10 -5.60 -21.64
CA THR B 165 -19.27 -4.77 -21.91
C THR B 165 -19.61 -3.78 -20.80
N GLY B 166 -18.77 -3.65 -19.77
CA GLY B 166 -19.04 -2.70 -18.71
C GLY B 166 -19.92 -3.20 -17.56
N VAL B 167 -20.37 -4.46 -17.58
CA VAL B 167 -21.15 -5.00 -16.46
C VAL B 167 -20.22 -5.74 -15.49
N HIS B 168 -20.75 -6.21 -14.38
CA HIS B 168 -19.88 -6.58 -13.26
C HIS B 168 -20.21 -7.99 -12.83
N ALA B 169 -19.16 -8.71 -12.35
CA ALA B 169 -19.35 -10.09 -11.93
C ALA B 169 -18.66 -10.26 -10.57
N GLY B 170 -19.14 -11.21 -9.81
CA GLY B 170 -18.51 -11.47 -8.51
C GLY B 170 -19.00 -12.77 -7.96
N THR B 171 -18.69 -13.01 -6.68
CA THR B 171 -18.99 -14.29 -6.04
C THR B 171 -19.98 -14.10 -4.89
N ASP B 172 -20.48 -15.19 -4.35
CA ASP B 172 -21.06 -15.15 -3.01
C ASP B 172 -19.93 -15.18 -1.97
N LEU B 173 -20.29 -15.24 -0.69
CA LEU B 173 -19.25 -15.21 0.33
C LEU B 173 -18.69 -16.59 0.62
N GLU B 174 -19.22 -17.63 -0.02
CA GLU B 174 -18.50 -18.91 -0.05
C GLU B 174 -17.47 -18.95 -1.18
N GLY B 175 -17.38 -17.90 -1.99
CA GLY B 175 -16.35 -17.77 -3.02
C GLY B 175 -16.73 -18.40 -4.36
N ASN B 176 -17.99 -18.77 -4.55
CA ASN B 176 -18.45 -19.28 -5.85
C ASN B 176 -18.99 -18.15 -6.70
N PHE B 177 -18.47 -18.01 -7.92
CA PHE B 177 -19.00 -17.00 -8.83
C PHE B 177 -20.48 -17.20 -9.08
N TYR B 178 -21.18 -16.07 -9.25
CA TYR B 178 -22.50 -16.09 -9.88
C TYR B 178 -22.24 -16.24 -11.38
N GLY B 179 -22.75 -17.32 -11.97
CA GLY B 179 -22.59 -17.50 -13.40
C GLY B 179 -21.31 -18.27 -13.69
N PRO B 180 -20.97 -18.38 -14.98
CA PRO B 180 -19.85 -19.26 -15.37
C PRO B 180 -18.51 -18.52 -15.50
N PHE B 181 -18.37 -17.39 -14.85
CA PHE B 181 -17.19 -16.55 -14.99
C PHE B 181 -16.04 -17.11 -14.15
N VAL B 182 -14.84 -16.80 -14.59
CA VAL B 182 -13.64 -17.20 -13.85
C VAL B 182 -12.79 -15.97 -13.62
N ASP B 183 -11.96 -15.99 -12.56
CA ASP B 183 -11.21 -14.79 -12.18
C ASP B 183 -9.84 -14.77 -12.86
N ARG B 184 -9.88 -14.57 -14.19
CA ARG B 184 -8.67 -14.37 -14.97
C ARG B 184 -8.93 -13.32 -16.05
N GLN B 185 -7.85 -12.67 -16.49
CA GLN B 185 -7.97 -11.46 -17.32
C GLN B 185 -7.85 -11.81 -18.80
N THR B 186 -8.82 -12.61 -19.25
CA THR B 186 -9.09 -12.93 -20.64
C THR B 186 -10.52 -12.53 -20.96
N ALA B 187 -10.78 -12.14 -22.20
CA ALA B 187 -12.13 -11.72 -22.59
C ALA B 187 -13.14 -12.83 -22.31
N GLN B 188 -14.27 -12.46 -21.69
CA GLN B 188 -15.37 -13.34 -21.34
C GLN B 188 -16.68 -12.65 -21.69
N ALA B 189 -17.62 -13.42 -22.22
CA ALA B 189 -18.87 -12.89 -22.73
C ALA B 189 -20.03 -13.30 -21.83
N ALA B 190 -20.99 -12.38 -21.64
CA ALA B 190 -22.08 -12.52 -20.69
C ALA B 190 -23.40 -12.81 -21.41
N GLY B 191 -23.92 -14.02 -21.19
CA GLY B 191 -25.25 -14.40 -21.65
C GLY B 191 -25.54 -14.20 -23.14
C7 K36 C . 0.57 8.54 -3.59
O8 K36 C . 1.42 9.69 -3.90
C9 K36 C . 2.68 9.64 -3.35
O10 K36 C . 3.67 9.23 -3.96
C1 K36 C . 0.73 7.52 -4.68
C2 K36 C . 0.93 7.93 -6.01
C3 K36 C . 1.05 6.97 -7.03
C4 K36 C . 0.98 5.61 -6.73
C5 K36 C . 0.76 5.20 -5.40
C6 K36 C . 0.65 6.15 -4.39
N11 K36 C . 2.65 10.07 -2.07
C12 K36 C . 3.76 9.97 -1.13
C17 K36 C . 4.09 8.49 -0.91
O18 K36 C . 3.20 7.69 -0.58
C13 K36 C . 3.54 10.65 0.24
C14 K36 C . 3.22 12.15 0.20
C15 K36 C . 2.97 12.79 1.58
C16 K36 C . 4.37 12.88 -0.51
N19 K36 C . 5.34 8.03 -1.07
C20 K36 C . 5.82 6.66 -0.95
C21 K36 C . 6.82 6.56 0.23
O22 K36 C . 7.15 5.20 0.44
C24 K36 C . 6.50 6.23 -2.26
C25 K36 C . 5.50 6.18 -3.43
C26 K36 C . 4.29 5.26 -3.22
C27 K36 C . 4.02 4.64 -4.61
N28 K36 C . 5.33 4.71 -5.24
C29 K36 C . 6.15 5.66 -4.71
O30 K36 C . 7.23 6.03 -5.20
C7 K36 D . -11.40 -5.72 -16.55
O8 K36 D . -10.46 -6.48 -15.75
C9 K36 D . -10.94 -6.90 -14.53
O10 K36 D . -12.03 -6.56 -14.09
C1 K36 D . -11.04 -4.26 -16.42
C2 K36 D . -9.91 -3.85 -15.69
C3 K36 D . -9.58 -2.51 -15.58
C4 K36 D . -10.38 -1.53 -16.19
C5 K36 D . -11.50 -1.92 -16.92
C6 K36 D . -11.84 -3.28 -17.04
N11 K36 D . -10.00 -7.58 -13.85
C12 K36 D . -10.08 -7.82 -12.41
C17 K36 D . -9.99 -6.46 -11.69
O18 K36 D . -9.10 -5.66 -11.97
C13 K36 D . -9.04 -8.77 -11.84
C14 K36 D . -9.03 -10.17 -12.47
C15 K36 D . -7.96 -11.10 -11.88
C16 K36 D . -10.42 -10.81 -12.27
N19 K36 D . -10.91 -6.12 -10.77
C20 K36 D . -11.01 -4.84 -10.06
C21 K36 D . -10.73 -5.04 -8.56
O22 K36 D . -10.73 -3.78 -7.93
C24 K36 D . -12.40 -4.24 -10.29
C25 K36 D . -12.58 -3.77 -11.74
C26 K36 D . -11.58 -2.69 -12.22
C27 K36 D . -12.40 -1.78 -13.16
N28 K36 D . -13.77 -2.02 -12.73
C29 K36 D . -13.94 -3.13 -11.96
O30 K36 D . -15.02 -3.55 -11.53
#